data_3LN3
#
_entry.id   3LN3
#
_cell.length_a   157.506
_cell.length_b   47.206
_cell.length_c   47.100
_cell.angle_alpha   90.000
_cell.angle_beta   94.980
_cell.angle_gamma   90.000
#
_symmetry.space_group_name_H-M   'C 1 2 1'
#
loop_
_entity.id
_entity.type
_entity.pdbx_description
1 polymer 'Dihydrodiol dehydrogenase'
2 non-polymer 'SULFATE ION'
3 non-polymer NICOTINAMIDE-ADENINE-DINUCLEOTIDE
4 non-polymer (4R)-2-METHYLPENTANE-2,4-DIOL
5 water water
#
_entity_poly.entity_id   1
_entity_poly.type   'polypeptide(L)'
_entity_poly.pdbx_seq_one_letter_code
;G(MSE)SS(MLY)QHCV(MLY)LNDGHLIPALGFGTY(MLY)P(MLY)EVP(MLY)S(MLY)SLEAACLALDVGYRHVDT
AYAYQVEEEIGQAIQS(MLY)I(MLY)AGVV(MLY)REDLFVTTKLWCTCFRPELV(MLY)PALE(MLY)SL(MLY)
(MLY)LQLDYVDLYI(MSE)HYPVP(MSE)(MLY)SGDNDFPVNEQG(MLY)SLLDTVDFCDTWERLEEC(MLY)DAGLV
(MLY)SIGVSNFNHRQLERILN(MLY)PGL(MLY)Y(MLY)PVCNQVECHLYLNQR(MLY)LLDYCES(MLY)DIVLVAY
GALGTQRY(MLY)EWVDQNSPVLLNDPVLCDVA(MLY)(MLY)N(MLY)RSPALIALRYLIQRGIVPLAQSF(MLY)ENE
(MSE)RENLQVFGFQLSPED(MSE)(MLY)TLDGLN(MLY)NFRYLPAEFLVDHPEYPFVEEY
;
_entity_poly.pdbx_strand_id   A
#
loop_
_chem_comp.id
_chem_comp.type
_chem_comp.name
_chem_comp.formula
MRD non-polymer (4R)-2-METHYLPENTANE-2,4-DIOL 'C6 H14 O2'
NAD non-polymer NICOTINAMIDE-ADENINE-DINUCLEOTIDE 'C21 H27 N7 O14 P2'
SO4 non-polymer 'SULFATE ION' 'O4 S -2'
#
# COMPACT_ATOMS: atom_id res chain seq x y z
N GLN A 6 0.43 -1.00 20.93
CA GLN A 6 0.16 -0.66 19.52
C GLN A 6 -0.94 -1.56 18.96
N HIS A 7 -1.85 -0.98 18.18
CA HIS A 7 -2.87 -1.77 17.45
C HIS A 7 -2.19 -2.32 16.22
N CYS A 8 -1.92 -3.61 16.22
CA CYS A 8 -1.18 -4.28 15.17
CA CYS A 8 -1.23 -4.24 15.12
C CYS A 8 -1.92 -5.51 14.68
N VAL A 9 -1.56 -5.98 13.49
CA VAL A 9 -2.04 -7.22 12.92
C VAL A 9 -0.80 -8.14 12.79
N MLY A 10 -1.01 -9.42 13.05
CA MLY A 10 0.03 -10.42 12.90
CB MLY A 10 -0.12 -11.61 13.88
CG MLY A 10 0.04 -11.29 15.34
CD MLY A 10 0.02 -12.55 16.21
CE MLY A 10 0.22 -12.18 17.60
NZ MLY A 10 -0.11 -13.28 18.50
CH1 MLY A 10 0.93 -14.35 18.43
CH2 MLY A 10 -0.19 -12.73 19.89
C MLY A 10 0.08 -10.95 11.48
O MLY A 10 -0.92 -11.39 10.95
N LEU A 11 1.26 -10.88 10.92
CA LEU A 11 1.58 -11.43 9.60
C LEU A 11 1.91 -12.91 9.72
N ASN A 12 1.91 -13.62 8.59
CA ASN A 12 2.11 -15.05 8.59
C ASN A 12 3.55 -15.48 8.83
N ASP A 13 4.44 -14.52 8.98
CA ASP A 13 5.82 -14.77 9.42
C ASP A 13 6.00 -14.33 10.88
N GLY A 14 4.90 -14.06 11.57
CA GLY A 14 4.97 -13.64 12.95
C GLY A 14 5.27 -12.19 13.20
N HIS A 15 5.67 -11.46 12.18
CA HIS A 15 5.93 -10.04 12.39
C HIS A 15 4.60 -9.27 12.56
N LEU A 16 4.70 -8.18 13.28
CA LEU A 16 3.57 -7.34 13.63
CA LEU A 16 3.56 -7.33 13.63
C LEU A 16 3.60 -6.06 12.76
N ILE A 17 2.47 -5.75 12.13
CA ILE A 17 2.34 -4.55 11.32
C ILE A 17 1.32 -3.63 12.00
N PRO A 18 1.67 -2.36 12.24
CA PRO A 18 0.64 -1.47 12.79
C PRO A 18 -0.58 -1.37 11.86
N ALA A 19 -1.76 -1.42 12.45
CA ALA A 19 -3.01 -1.59 11.73
C ALA A 19 -3.47 -0.40 10.94
N LEU A 20 -2.87 0.74 11.12
CA LEU A 20 -3.09 1.92 10.26
C LEU A 20 -1.72 2.43 9.81
N GLY A 21 -1.57 2.66 8.50
CA GLY A 21 -0.35 3.20 7.97
C GLY A 21 -0.55 4.57 7.34
N PHE A 22 0.54 5.28 7.25
CA PHE A 22 0.62 6.59 6.60
C PHE A 22 1.15 6.46 5.19
N GLY A 23 0.39 6.98 4.22
CA GLY A 23 0.76 6.92 2.84
C GLY A 23 1.65 8.08 2.42
N THR A 24 2.45 7.87 1.39
CA THR A 24 3.43 8.86 0.96
C THR A 24 3.51 9.07 -0.54
N TYR A 25 2.49 8.67 -1.31
CA TYR A 25 2.48 9.05 -2.71
C TYR A 25 2.58 10.59 -2.83
N MLY A 26 3.47 11.06 -3.70
CA MLY A 26 3.66 12.50 -3.96
CB MLY A 26 5.15 12.84 -3.91
CG MLY A 26 5.43 14.32 -4.07
CD MLY A 26 6.88 14.65 -4.35
CE MLY A 26 7.33 14.20 -5.68
NZ MLY A 26 6.83 15.15 -6.71
CH1 MLY A 26 7.87 16.16 -7.02
CH2 MLY A 26 6.42 14.44 -7.93
C MLY A 26 3.10 12.87 -5.33
O MLY A 26 3.66 12.48 -6.36
N PRO A 27 2.02 13.66 -5.38
CA PRO A 27 1.48 14.07 -6.68
C PRO A 27 2.50 14.84 -7.53
N MLY A 28 2.30 14.77 -8.84
CA MLY A 28 3.23 15.33 -9.82
CA MLY A 28 3.25 15.34 -9.81
CB MLY A 28 2.60 15.23 -11.21
CB MLY A 28 2.70 15.29 -11.24
CG MLY A 28 3.50 15.58 -12.35
CG MLY A 28 2.61 13.91 -11.85
CD MLY A 28 2.75 15.48 -13.64
CD MLY A 28 3.94 13.30 -12.19
CE MLY A 28 3.44 16.13 -14.82
CE MLY A 28 3.74 11.90 -12.78
NZ MLY A 28 4.80 15.53 -15.13
NZ MLY A 28 5.03 11.21 -13.18
CH1 MLY A 28 4.80 14.07 -15.21
CH1 MLY A 28 5.93 11.07 -12.02
CH2 MLY A 28 5.25 16.07 -16.44
CH2 MLY A 28 4.76 9.87 -13.75
C MLY A 28 3.63 16.79 -9.49
O MLY A 28 4.81 17.15 -9.57
N GLU A 29 2.65 17.60 -9.10
CA GLU A 29 2.86 19.02 -8.83
C GLU A 29 3.28 19.33 -7.38
N VAL A 30 3.30 18.33 -6.51
CA VAL A 30 3.63 18.59 -5.11
C VAL A 30 5.15 18.53 -4.95
N PRO A 31 5.76 19.56 -4.33
CA PRO A 31 7.21 19.53 -4.18
C PRO A 31 7.67 18.51 -3.15
N MLY A 32 8.87 18.00 -3.31
CA MLY A 32 9.44 17.03 -2.37
CB MLY A 32 10.84 16.62 -2.83
CG MLY A 32 10.85 15.74 -4.08
CD MLY A 32 12.26 15.34 -4.52
CE MLY A 32 12.27 14.34 -5.67
NZ MLY A 32 13.65 13.78 -5.91
CH1 MLY A 32 13.56 12.71 -6.94
CH2 MLY A 32 14.56 14.85 -6.35
C MLY A 32 9.46 17.61 -0.94
O MLY A 32 9.32 16.86 0.01
N SER A 33 9.67 18.92 -0.80
CA SER A 33 9.65 19.51 0.55
C SER A 33 8.36 19.28 1.31
N MLY A 34 7.24 19.24 0.58
CA MLY A 34 5.95 19.02 1.24
CA MLY A 34 5.94 19.01 1.18
CB MLY A 34 4.77 19.44 0.34
CB MLY A 34 4.85 19.38 0.17
CG MLY A 34 3.46 19.61 1.10
CG MLY A 34 3.46 19.29 0.71
CD MLY A 34 2.39 20.17 0.20
CD MLY A 34 2.42 19.84 -0.24
CE MLY A 34 1.13 20.58 0.93
CE MLY A 34 1.07 19.76 0.38
NZ MLY A 34 0.21 21.13 -0.14
NZ MLY A 34 -0.12 20.18 -0.45
CH1 MLY A 34 -0.93 20.26 -0.50
CH1 MLY A 34 -1.10 20.88 0.42
CH2 MLY A 34 -0.18 22.52 0.15
CH2 MLY A 34 0.24 21.00 -1.58
C MLY A 34 5.79 17.56 1.67
O MLY A 34 5.25 17.30 2.74
N SER A 35 6.30 16.64 0.88
CA SER A 35 6.33 15.23 1.29
CA SER A 35 6.34 15.24 1.25
C SER A 35 7.16 15.07 2.56
N LEU A 36 8.33 15.73 2.59
CA LEU A 36 9.20 15.68 3.76
C LEU A 36 8.49 16.22 4.99
N GLU A 37 7.87 17.39 4.87
CA GLU A 37 7.16 17.98 6.00
C GLU A 37 6.06 17.05 6.52
N ALA A 38 5.29 16.48 5.61
CA ALA A 38 4.18 15.67 5.99
C ALA A 38 4.66 14.43 6.74
N ALA A 39 5.76 13.82 6.30
CA ALA A 39 6.28 12.62 6.94
C ALA A 39 6.82 12.97 8.34
N CYS A 40 7.51 14.10 8.44
CA CYS A 40 7.96 14.55 9.75
C CYS A 40 6.79 14.74 10.73
N LEU A 41 5.75 15.42 10.25
CA LEU A 41 4.58 15.66 11.07
C LEU A 41 3.90 14.36 11.47
N ALA A 42 3.79 13.43 10.52
CA ALA A 42 3.15 12.16 10.78
C ALA A 42 3.80 11.43 11.94
N LEU A 43 5.14 11.46 11.97
CA LEU A 43 5.89 10.83 13.06
C LEU A 43 5.60 11.52 14.40
N ASP A 44 5.56 12.85 14.41
CA ASP A 44 5.18 13.55 15.65
C ASP A 44 3.76 13.22 16.11
N VAL A 45 2.82 13.12 15.17
CA VAL A 45 1.39 12.89 15.41
CA VAL A 45 1.45 12.92 15.63
C VAL A 45 1.19 11.49 16.02
N GLY A 46 2.05 10.55 15.62
CA GLY A 46 1.99 9.22 16.18
C GLY A 46 1.97 8.07 15.20
N TYR A 47 2.07 8.31 13.90
CA TYR A 47 2.13 7.22 12.95
C TYR A 47 3.43 6.45 13.14
N ARG A 48 3.35 5.13 13.03
N ARG A 48 3.35 5.13 13.03
CA ARG A 48 4.51 4.25 13.16
C ARG A 48 4.77 3.45 11.84
C ARG A 48 4.59 3.19 12.07
N HIS A 49 3.69 3.12 11.16
N HIS A 49 3.71 3.29 11.08
CA HIS A 49 3.72 2.43 9.87
C HIS A 49 3.74 3.47 8.76
N VAL A 50 4.84 3.51 7.99
N VAL A 50 4.81 3.46 7.97
CA VAL A 50 4.95 4.43 6.86
CA VAL A 50 5.00 4.40 6.88
C VAL A 50 5.16 3.63 5.59
C VAL A 50 5.12 3.56 5.61
N ASP A 51 4.29 3.88 4.61
CA ASP A 51 4.26 3.14 3.34
C ASP A 51 4.82 4.05 2.24
N THR A 52 5.87 3.58 1.58
CA THR A 52 6.44 4.35 0.50
C THR A 52 6.80 3.42 -0.67
N ALA A 53 7.50 3.94 -1.69
CA ALA A 53 7.81 3.14 -2.88
C ALA A 53 8.94 3.77 -3.64
N TYR A 54 9.74 2.93 -4.33
CA TYR A 54 10.74 3.44 -5.25
C TYR A 54 10.14 4.43 -6.25
N ALA A 55 9.00 4.06 -6.84
CA ALA A 55 8.42 4.83 -7.93
C ALA A 55 7.80 6.15 -7.45
N TYR A 56 7.64 6.36 -6.16
CA TYR A 56 7.07 7.62 -5.68
C TYR A 56 8.08 8.79 -5.71
N GLN A 57 9.36 8.50 -5.85
N GLN A 57 9.36 8.44 -5.81
CA GLN A 57 10.41 9.54 -5.96
CA GLN A 57 10.49 9.35 -5.87
C GLN A 57 10.72 10.25 -4.66
C GLN A 57 10.47 10.32 -4.69
N VAL A 58 10.25 9.70 -3.53
CA VAL A 58 10.39 10.38 -2.24
C VAL A 58 11.06 9.56 -1.16
N GLU A 59 11.65 8.42 -1.51
CA GLU A 59 12.36 7.67 -0.47
C GLU A 59 13.39 8.50 0.25
N GLU A 60 14.08 9.37 -0.46
CA GLU A 60 15.10 10.24 0.20
C GLU A 60 14.46 11.11 1.28
N GLU A 61 13.28 11.68 0.98
CA GLU A 61 12.57 12.53 1.93
C GLU A 61 12.06 11.73 3.12
N ILE A 62 11.55 10.52 2.87
CA ILE A 62 11.11 9.67 3.96
C ILE A 62 12.30 9.30 4.86
N GLY A 63 13.44 9.01 4.24
CA GLY A 63 14.64 8.73 5.00
C GLY A 63 15.09 9.91 5.85
N GLN A 64 15.00 11.12 5.30
CA GLN A 64 15.34 12.34 6.05
C GLN A 64 14.39 12.54 7.24
N ALA A 65 13.09 12.32 7.02
CA ALA A 65 12.12 12.50 8.09
C ALA A 65 12.45 11.54 9.23
N ILE A 66 12.67 10.27 8.88
CA ILE A 66 12.91 9.24 9.90
C ILE A 66 14.19 9.58 10.66
N GLN A 67 15.28 9.90 9.95
CA GLN A 67 16.54 10.09 10.70
CA GLN A 67 16.57 10.14 10.64
C GLN A 67 16.49 11.36 11.54
N SER A 68 15.88 12.42 11.05
CA SER A 68 15.77 13.64 11.84
C SER A 68 14.94 13.44 13.10
N MLY A 69 13.89 12.63 13.00
CA MLY A 69 13.04 12.35 14.17
CB MLY A 69 11.65 11.93 13.74
CG MLY A 69 10.92 13.08 13.08
CD MLY A 69 10.53 14.22 14.03
CE MLY A 69 9.85 15.31 13.26
NZ MLY A 69 9.49 16.49 14.01
CH1 MLY A 69 8.58 17.38 13.33
CH2 MLY A 69 10.39 17.11 14.96
C MLY A 69 13.68 11.34 15.14
O MLY A 69 13.53 11.47 16.35
N ILE A 70 14.51 10.44 14.63
CA ILE A 70 15.31 9.59 15.50
C ILE A 70 16.35 10.43 16.23
N MLY A 71 16.99 11.34 15.53
CA MLY A 71 18.03 12.19 16.18
CB MLY A 71 18.78 13.03 15.14
CG MLY A 71 20.02 13.83 15.61
CD MLY A 71 20.67 14.59 14.39
CE MLY A 71 21.57 15.86 14.72
NZ MLY A 71 21.93 16.76 13.53
CH1 MLY A 71 23.43 17.14 13.32
CH2 MLY A 71 21.27 16.20 12.31
C MLY A 71 17.44 13.10 17.26
O MLY A 71 18.06 13.36 18.29
N ALA A 72 16.21 13.54 17.05
CA ALA A 72 15.52 14.39 17.98
C ALA A 72 14.90 13.62 19.16
N GLY A 73 14.95 12.29 19.10
CA GLY A 73 14.38 11.48 20.16
C GLY A 73 12.87 11.29 20.11
N VAL A 74 12.24 11.64 18.99
CA VAL A 74 10.80 11.51 18.86
C VAL A 74 10.41 10.04 18.71
N VAL A 75 11.22 9.29 17.97
CA VAL A 75 10.98 7.89 17.72
C VAL A 75 12.33 7.17 17.69
N MLY A 76 12.28 5.86 17.84
CA MLY A 76 13.44 4.99 17.59
CB MLY A 76 13.67 4.08 18.80
CG MLY A 76 14.10 4.84 20.06
CD MLY A 76 14.33 3.86 21.20
CE MLY A 76 14.60 4.56 22.52
NZ MLY A 76 14.11 3.80 23.75
CH1 MLY A 76 12.62 3.85 23.86
CH2 MLY A 76 14.58 2.40 23.71
C MLY A 76 13.13 4.10 16.39
O MLY A 76 11.98 3.81 16.11
N ARG A 77 14.18 3.65 15.70
CA ARG A 77 13.94 2.82 14.52
C ARG A 77 13.07 1.61 14.82
N GLU A 78 13.31 0.99 15.97
CA GLU A 78 12.61 -0.23 16.32
CA GLU A 78 12.61 -0.23 16.38
C GLU A 78 11.10 0.00 16.54
N ASP A 79 10.68 1.26 16.70
CA ASP A 79 9.29 1.65 16.88
C ASP A 79 8.56 1.80 15.54
N LEU A 80 9.30 1.81 14.43
CA LEU A 80 8.72 2.12 13.13
C LEU A 80 8.62 0.88 12.27
N PHE A 81 7.60 0.87 11.43
CA PHE A 81 7.40 -0.18 10.45
C PHE A 81 7.44 0.51 9.09
N VAL A 82 8.51 0.27 8.33
CA VAL A 82 8.71 0.93 7.04
C VAL A 82 8.51 -0.09 5.92
N THR A 83 7.56 0.24 5.04
CA THR A 83 7.34 -0.52 3.80
C THR A 83 7.86 0.23 2.60
N THR A 84 8.60 -0.43 1.72
CA THR A 84 8.75 0.10 0.39
C THR A 84 8.52 -0.98 -0.65
N LYS A 85 8.65 -0.60 -1.92
CA LYS A 85 8.18 -1.43 -3.03
C LYS A 85 9.17 -1.43 -4.16
N LEU A 86 9.41 -2.64 -4.65
CA LEU A 86 10.20 -2.92 -5.85
C LEU A 86 9.38 -2.52 -7.07
N TRP A 87 9.93 -1.63 -7.91
CA TRP A 87 9.21 -1.12 -9.07
C TRP A 87 9.41 -2.05 -10.27
N CYS A 88 8.42 -2.02 -11.15
CA CYS A 88 8.33 -2.88 -12.33
C CYS A 88 9.57 -2.90 -13.19
N THR A 89 10.31 -1.78 -13.26
CA THR A 89 11.52 -1.75 -14.09
C THR A 89 12.69 -2.53 -13.50
N CYS A 90 12.51 -3.06 -12.30
CA CYS A 90 13.56 -3.74 -11.54
C CYS A 90 13.22 -5.21 -11.23
N PHE A 91 12.29 -5.78 -11.98
CA PHE A 91 11.83 -7.15 -11.77
C PHE A 91 12.75 -8.22 -12.30
N ARG A 92 13.61 -7.92 -13.28
CA ARG A 92 14.56 -8.93 -13.71
C ARG A 92 15.37 -9.38 -12.51
N PRO A 93 15.59 -10.68 -12.35
CA PRO A 93 16.16 -11.14 -11.08
C PRO A 93 17.47 -10.48 -10.66
N GLU A 94 18.38 -10.22 -11.61
CA GLU A 94 19.68 -9.63 -11.31
C GLU A 94 19.54 -8.17 -10.84
N LEU A 95 18.38 -7.55 -11.02
CA LEU A 95 18.18 -6.15 -10.63
C LEU A 95 17.51 -5.98 -9.27
N VAL A 96 16.99 -7.06 -8.70
CA VAL A 96 16.14 -6.95 -7.51
C VAL A 96 16.94 -6.50 -6.29
N MLY A 97 18.00 -7.23 -5.95
CA MLY A 97 18.77 -6.86 -4.77
CA MLY A 97 18.81 -6.87 -4.78
CB MLY A 97 19.76 -7.96 -4.36
CB MLY A 97 19.86 -7.94 -4.45
CG MLY A 97 20.32 -7.77 -2.97
CG MLY A 97 20.69 -7.57 -3.23
CD MLY A 97 21.01 -9.01 -2.44
CD MLY A 97 21.73 -8.65 -2.82
CE MLY A 97 22.20 -8.68 -1.57
CE MLY A 97 21.07 -9.97 -2.44
NZ MLY A 97 22.93 -9.93 -1.32
NZ MLY A 97 21.70 -10.71 -1.27
CH1 MLY A 97 22.74 -10.31 0.08
CH1 MLY A 97 21.26 -12.13 -1.29
CH2 MLY A 97 22.27 -10.94 -2.18
CH2 MLY A 97 23.17 -10.69 -1.21
C MLY A 97 19.45 -5.50 -4.93
O MLY A 97 19.44 -4.72 -4.01
N PRO A 98 20.03 -5.20 -6.11
CA PRO A 98 20.57 -3.86 -6.25
C PRO A 98 19.51 -2.78 -6.11
N ALA A 99 18.29 -3.02 -6.57
CA ALA A 99 17.23 -2.01 -6.42
C ALA A 99 16.89 -1.82 -4.94
N LEU A 100 16.81 -2.91 -4.19
CA LEU A 100 16.54 -2.81 -2.74
C LEU A 100 17.68 -2.05 -2.05
N GLU A 101 18.91 -2.37 -2.38
CA GLU A 101 20.05 -1.70 -1.77
C GLU A 101 20.06 -0.18 -2.06
N MLY A 102 19.65 0.19 -3.28
CA MLY A 102 19.49 1.59 -3.66
CA MLY A 102 19.55 1.59 -3.61
CB MLY A 102 19.03 1.72 -5.11
CB MLY A 102 19.32 1.81 -5.13
CG MLY A 102 20.11 1.53 -6.18
CG MLY A 102 18.53 3.08 -5.50
CD MLY A 102 19.57 1.85 -7.56
CD MLY A 102 18.36 3.31 -7.01
C MLY A 102 18.45 2.26 -2.77
O MLY A 102 18.64 3.37 -2.29
N SER A 103 17.31 1.58 -2.60
CA SER A 103 16.26 2.13 -1.76
C SER A 103 16.69 2.25 -0.32
N LEU A 104 17.38 1.25 0.21
CA LEU A 104 17.90 1.33 1.58
C LEU A 104 18.83 2.52 1.75
N MLY A 105 19.68 2.77 0.77
CA MLY A 105 20.55 3.94 0.81
CA MLY A 105 20.53 3.94 0.86
CB MLY A 105 21.51 3.91 -0.38
CB MLY A 105 21.60 3.96 -0.23
CG MLY A 105 22.55 5.00 -0.41
CG MLY A 105 22.62 2.89 -0.05
CD MLY A 105 23.58 4.78 -1.51
CD MLY A 105 23.62 2.89 -1.18
CE MLY A 105 24.28 6.09 -1.88
CE MLY A 105 24.94 3.40 -0.75
NZ MLY A 105 25.74 6.03 -2.27
NZ MLY A 105 25.94 2.57 -1.44
CH1 MLY A 105 26.13 4.66 -2.64
CH1 MLY A 105 26.59 3.32 -2.51
CH2 MLY A 105 25.97 6.87 -3.44
CH2 MLY A 105 26.89 2.01 -0.48
C MLY A 105 19.75 5.24 0.82
O MLY A 105 20.04 6.15 1.60
N MLY A 106 18.74 5.33 -0.05
CA MLY A 106 17.88 6.52 -0.07
CB MLY A 106 16.83 6.44 -1.18
CG MLY A 106 17.38 6.55 -2.59
CD MLY A 106 16.25 6.38 -3.59
CE MLY A 106 16.69 6.34 -5.05
NZ MLY A 106 15.53 6.43 -6.03
CH1 MLY A 106 16.01 6.69 -7.40
CH2 MLY A 106 14.64 5.25 -5.98
C MLY A 106 17.17 6.73 1.27
O MLY A 106 17.05 7.86 1.75
N LEU A 107 16.71 5.63 1.85
CA LEU A 107 15.95 5.67 3.08
C LEU A 107 16.83 5.86 4.34
N GLN A 108 18.15 5.73 4.17
CA GLN A 108 19.11 5.75 5.26
C GLN A 108 18.81 4.69 6.30
N LEU A 109 18.39 3.51 5.82
CA LEU A 109 18.06 2.37 6.68
C LEU A 109 18.95 1.19 6.36
N ASP A 110 19.20 0.37 7.39
CA ASP A 110 19.88 -0.92 7.19
C ASP A 110 18.93 -2.03 6.72
N TYR A 111 17.65 -1.92 7.06
CA TYR A 111 16.64 -2.87 6.65
C TYR A 111 15.30 -2.16 6.54
N VAL A 112 14.41 -2.72 5.73
CA VAL A 112 12.99 -2.29 5.77
C VAL A 112 12.18 -3.39 6.42
N ASP A 113 11.04 -3.01 7.00
CA ASP A 113 10.17 -3.99 7.59
C ASP A 113 9.41 -4.84 6.58
N LEU A 114 9.13 -4.24 5.43
CA LEU A 114 8.34 -4.93 4.44
C LEU A 114 8.77 -4.44 3.06
N TYR A 115 8.99 -5.38 2.15
CA TYR A 115 9.37 -5.07 0.78
C TYR A 115 8.47 -5.87 -0.13
N ILE A 116 7.79 -5.18 -1.05
CA ILE A 116 6.77 -5.83 -1.87
C ILE A 116 6.96 -5.53 -3.33
N MSE A 117 6.57 -6.48 -4.18
CA MSE A 117 6.48 -6.22 -5.62
C MSE A 117 5.32 -5.26 -5.86
O MSE A 117 4.21 -5.52 -5.42
CB MSE A 117 6.19 -7.51 -6.37
CG MSE A 117 7.35 -8.50 -6.34
SE MSE A 117 7.10 -10.08 -7.42
CE MSE A 117 7.01 -9.19 -9.14
N HIS A 118 5.56 -4.15 -6.58
CA HIS A 118 4.53 -3.09 -6.69
C HIS A 118 3.33 -3.55 -7.55
N TYR A 119 3.63 -4.39 -8.57
CA TYR A 119 2.61 -4.94 -9.47
C TYR A 119 3.13 -6.31 -9.91
N PRO A 120 2.30 -7.13 -10.58
CA PRO A 120 2.75 -8.37 -11.17
C PRO A 120 3.31 -8.25 -12.59
N VAL A 121 3.30 -7.03 -13.13
CA VAL A 121 3.70 -6.78 -14.53
C VAL A 121 5.05 -6.07 -14.54
N PRO A 122 6.07 -6.67 -15.19
CA PRO A 122 7.36 -6.02 -15.36
C PRO A 122 7.37 -4.98 -16.46
N MSE A 123 8.33 -4.06 -16.38
CA MSE A 123 8.56 -3.03 -17.39
CA MSE A 123 8.55 -3.08 -17.44
C MSE A 123 10.03 -3.01 -17.83
O MSE A 123 10.89 -3.46 -17.10
CB MSE A 123 8.19 -1.65 -16.84
CB MSE A 123 7.99 -1.72 -17.03
CG MSE A 123 6.71 -1.47 -16.56
CG MSE A 123 6.44 -1.67 -16.99
SE MSE A 123 6.27 0.24 -15.80
SE MSE A 123 5.78 0.15 -17.18
CE MSE A 123 5.89 1.21 -17.46
CE MSE A 123 7.14 0.76 -15.91
N MLY A 124 10.29 -2.44 -18.99
CA MLY A 124 11.65 -2.30 -19.52
CB MLY A 124 11.60 -1.39 -20.73
CG MLY A 124 12.97 -1.04 -21.30
CD MLY A 124 12.86 -0.17 -22.57
CE MLY A 124 14.21 -0.02 -23.26
NZ MLY A 124 14.05 0.56 -24.64
CH1 MLY A 124 13.62 1.98 -24.60
CH2 MLY A 124 15.33 0.38 -25.38
C MLY A 124 12.56 -1.71 -18.48
O MLY A 124 12.26 -0.65 -17.91
N SER A 125 13.70 -2.36 -18.24
CA SER A 125 14.63 -1.81 -17.26
C SER A 125 15.32 -0.54 -17.74
N GLY A 126 15.69 0.29 -16.79
CA GLY A 126 16.32 1.57 -17.05
C GLY A 126 15.98 2.59 -15.99
N ASP A 127 16.59 3.77 -16.10
CA ASP A 127 16.38 4.84 -15.13
C ASP A 127 14.96 5.41 -15.18
N ASN A 128 14.37 5.43 -16.36
CA ASN A 128 13.00 5.94 -16.53
C ASN A 128 12.03 4.97 -15.87
N ASP A 129 11.22 5.44 -14.94
CA ASP A 129 10.21 4.60 -14.28
C ASP A 129 9.01 4.26 -15.16
N PHE A 130 8.77 5.03 -16.21
CA PHE A 130 7.63 4.85 -17.09
C PHE A 130 8.11 4.88 -18.53
N PRO A 131 8.86 3.84 -18.92
CA PRO A 131 9.39 3.80 -20.28
C PRO A 131 8.25 3.69 -21.30
N VAL A 132 8.34 4.47 -22.37
CA VAL A 132 7.32 4.46 -23.42
C VAL A 132 8.00 4.57 -24.78
N ASN A 133 7.30 4.10 -25.80
CA ASN A 133 7.72 4.39 -27.16
C ASN A 133 7.27 5.78 -27.62
N GLU A 134 7.59 6.11 -28.86
CA GLU A 134 7.25 7.45 -29.38
C GLU A 134 5.76 7.75 -29.41
N GLN A 135 4.95 6.72 -29.58
CA GLN A 135 3.48 6.79 -29.50
C GLN A 135 2.93 6.86 -28.07
N GLY A 136 3.80 6.76 -27.07
CA GLY A 136 3.37 6.86 -25.69
C GLY A 136 2.92 5.56 -25.07
N MLY A 137 3.12 4.45 -25.79
CA MLY A 137 2.74 3.10 -25.29
CB MLY A 137 2.60 2.12 -26.45
CG MLY A 137 1.57 2.52 -27.53
CD MLY A 137 0.20 2.56 -26.93
C MLY A 137 3.81 2.61 -24.31
O MLY A 137 5.00 2.77 -24.58
N SER A 138 3.38 2.01 -23.21
CA SER A 138 4.32 1.53 -22.21
C SER A 138 5.14 0.37 -22.75
N LEU A 139 6.44 0.40 -22.47
CA LEU A 139 7.32 -0.69 -22.87
C LEU A 139 7.42 -1.66 -21.71
N LEU A 140 6.71 -2.77 -21.86
CA LEU A 140 6.63 -3.77 -20.82
C LEU A 140 7.70 -4.84 -21.00
N ASP A 141 7.74 -5.80 -20.10
CA ASP A 141 8.76 -6.82 -20.15
C ASP A 141 8.11 -8.16 -19.81
N THR A 142 8.83 -9.25 -20.04
CA THR A 142 8.40 -10.60 -19.74
C THR A 142 9.37 -11.19 -18.75
N VAL A 143 8.92 -11.37 -17.52
CA VAL A 143 9.72 -11.89 -16.40
C VAL A 143 8.72 -12.59 -15.48
N ASP A 144 8.89 -13.87 -15.27
CA ASP A 144 8.02 -14.62 -14.39
C ASP A 144 8.10 -14.02 -13.00
N PHE A 145 6.98 -13.63 -12.43
CA PHE A 145 6.99 -13.08 -11.06
C PHE A 145 7.47 -14.06 -10.01
N CYS A 146 7.43 -15.35 -10.31
CA CYS A 146 8.06 -16.31 -9.44
C CYS A 146 9.59 -16.19 -9.40
N ASP A 147 10.20 -15.78 -10.50
CA ASP A 147 11.62 -15.55 -10.53
C ASP A 147 11.98 -14.28 -9.72
N THR A 148 11.18 -13.24 -9.85
CA THR A 148 11.37 -12.05 -9.04
C THR A 148 11.19 -12.40 -7.55
N TRP A 149 10.15 -13.15 -7.25
CA TRP A 149 9.85 -13.56 -5.89
C TRP A 149 11.05 -14.29 -5.27
N GLU A 150 11.68 -15.18 -6.00
CA GLU A 150 12.82 -15.93 -5.46
C GLU A 150 13.91 -14.96 -4.99
N ARG A 151 14.12 -13.85 -5.70
CA ARG A 151 15.12 -12.89 -5.25
C ARG A 151 14.67 -12.10 -4.01
N LEU A 152 13.37 -11.83 -3.88
CA LEU A 152 12.86 -11.24 -2.63
CA LEU A 152 12.88 -11.26 -2.64
C LEU A 152 13.15 -12.19 -1.46
N GLU A 153 12.97 -13.50 -1.69
CA GLU A 153 13.29 -14.48 -0.67
C GLU A 153 14.75 -14.39 -0.26
N GLU A 154 15.64 -14.22 -1.24
CA GLU A 154 17.06 -14.06 -0.95
C GLU A 154 17.33 -12.78 -0.16
N CYS A 155 16.62 -11.68 -0.45
CA CYS A 155 16.76 -10.43 0.29
C CYS A 155 16.38 -10.60 1.75
N MLY A 156 15.33 -11.36 1.99
CA MLY A 156 14.92 -11.64 3.36
CB MLY A 156 13.55 -12.35 3.31
CG MLY A 156 13.08 -12.91 4.65
CD MLY A 156 11.67 -13.43 4.57
CE MLY A 156 11.41 -14.73 5.30
NZ MLY A 156 11.36 -14.57 6.76
CH1 MLY A 156 10.40 -13.52 7.24
CH2 MLY A 156 11.12 -15.89 7.44
C MLY A 156 15.99 -12.49 4.08
O MLY A 156 16.39 -12.19 5.21
N ASP A 157 16.50 -13.50 3.38
CA ASP A 157 17.52 -14.33 3.99
C ASP A 157 18.80 -13.55 4.29
N ALA A 158 19.05 -12.50 3.53
CA ALA A 158 20.22 -11.62 3.75
C ALA A 158 20.00 -10.60 4.89
N GLY A 159 18.77 -10.51 5.41
CA GLY A 159 18.48 -9.59 6.50
C GLY A 159 18.27 -8.15 6.06
N LEU A 160 18.06 -7.95 4.77
CA LEU A 160 17.82 -6.62 4.23
C LEU A 160 16.37 -6.20 4.40
N VAL A 161 15.49 -7.17 4.63
CA VAL A 161 14.06 -6.93 4.77
CA VAL A 161 14.06 -6.94 4.77
C VAL A 161 13.55 -7.95 5.79
N MLY A 162 12.60 -7.55 6.63
CA MLY A 162 12.04 -8.44 7.63
CB MLY A 162 11.50 -7.62 8.81
CG MLY A 162 12.49 -6.84 9.61
CD MLY A 162 13.34 -7.68 10.54
CE MLY A 162 14.33 -6.82 11.33
NZ MLY A 162 15.21 -7.59 12.25
CH1 MLY A 162 16.19 -6.65 12.89
CH2 MLY A 162 14.46 -8.31 13.32
C MLY A 162 10.95 -9.33 7.06
O MLY A 162 10.87 -10.51 7.41
N SER A 163 10.08 -8.76 6.22
CA SER A 163 8.94 -9.46 5.63
C SER A 163 8.87 -9.10 4.14
N ILE A 164 8.34 -10.04 3.34
CA ILE A 164 8.17 -9.82 1.92
C ILE A 164 6.71 -10.09 1.52
N GLY A 165 6.25 -9.37 0.51
CA GLY A 165 4.90 -9.49 0.03
C GLY A 165 4.71 -8.94 -1.36
N VAL A 166 3.46 -8.76 -1.76
CA VAL A 166 3.13 -8.29 -3.09
C VAL A 166 2.07 -7.21 -3.05
N SER A 167 1.86 -6.59 -4.21
CA SER A 167 0.84 -5.54 -4.37
C SER A 167 0.17 -5.71 -5.73
N ASN A 168 -1.14 -5.53 -5.76
CA ASN A 168 -1.91 -5.53 -7.02
C ASN A 168 -1.87 -6.88 -7.71
N PHE A 169 -1.78 -7.96 -6.93
CA PHE A 169 -1.95 -9.31 -7.46
C PHE A 169 -3.39 -9.72 -7.38
N ASN A 170 -3.84 -10.51 -8.34
CA ASN A 170 -5.13 -11.15 -8.27
C ASN A 170 -5.04 -12.57 -7.68
N HIS A 171 -6.17 -13.22 -7.44
CA HIS A 171 -6.06 -14.49 -6.74
C HIS A 171 -5.37 -15.60 -7.53
N ARG A 172 -5.50 -15.60 -8.86
CA ARG A 172 -4.77 -16.57 -9.69
C ARG A 172 -3.28 -16.37 -9.56
N GLN A 173 -2.84 -15.13 -9.54
CA GLN A 173 -1.42 -14.81 -9.43
C GLN A 173 -0.88 -15.23 -8.07
N LEU A 174 -1.62 -14.95 -7.00
CA LEU A 174 -1.25 -15.44 -5.69
C LEU A 174 -1.17 -16.95 -5.68
N GLU A 175 -2.16 -17.63 -6.26
CA GLU A 175 -2.10 -19.08 -6.33
C GLU A 175 -0.83 -19.58 -7.00
N ARG A 176 -0.41 -18.91 -8.06
CA ARG A 176 0.80 -19.35 -8.76
CA ARG A 176 0.79 -19.37 -8.75
C ARG A 176 2.02 -19.28 -7.87
N ILE A 177 2.18 -18.21 -7.11
CA ILE A 177 3.29 -18.16 -6.16
C ILE A 177 3.14 -19.28 -5.10
N LEU A 178 1.96 -19.39 -4.52
CA LEU A 178 1.76 -20.28 -3.40
C LEU A 178 1.95 -21.74 -3.79
N ASN A 179 1.67 -22.06 -5.03
CA ASN A 179 1.69 -23.47 -5.50
C ASN A 179 2.98 -23.82 -6.22
N MLY A 180 3.91 -22.89 -6.28
CA MLY A 180 5.15 -23.12 -6.98
CB MLY A 180 5.90 -21.80 -7.20
CG MLY A 180 7.29 -22.01 -7.75
CD MLY A 180 7.54 -21.36 -9.06
CE MLY A 180 6.89 -22.10 -10.18
NZ MLY A 180 7.82 -22.21 -11.38
CH1 MLY A 180 7.82 -23.57 -11.93
CH2 MLY A 180 7.43 -21.25 -12.44
C MLY A 180 6.01 -24.13 -6.23
O MLY A 180 6.35 -23.96 -5.06
N PRO A 181 6.42 -25.21 -6.92
CA PRO A 181 7.36 -26.11 -6.26
C PRO A 181 8.66 -25.36 -5.96
N GLY A 182 9.16 -25.55 -4.79
CA GLY A 182 10.39 -24.87 -4.38
C GLY A 182 10.18 -23.55 -3.67
N LEU A 183 8.93 -23.07 -3.57
CA LEU A 183 8.62 -21.87 -2.78
C LEU A 183 9.22 -22.01 -1.39
N MLY A 184 9.90 -20.95 -0.95
CA MLY A 184 10.42 -20.88 0.40
CA MLY A 184 10.40 -20.92 0.44
CB MLY A 184 11.78 -20.16 0.38
CB MLY A 184 11.78 -20.28 0.62
CG MLY A 184 12.69 -20.59 1.46
CG MLY A 184 12.94 -21.02 0.00
CD MLY A 184 14.12 -20.10 1.31
CD MLY A 184 14.29 -20.31 0.32
CE MLY A 184 14.89 -20.58 2.52
CE MLY A 184 14.83 -20.71 1.68
NZ MLY A 184 16.27 -20.02 2.65
NZ MLY A 184 16.18 -20.10 2.02
CH1 MLY A 184 16.80 -20.28 4.00
CH1 MLY A 184 16.61 -20.56 3.35
CH2 MLY A 184 17.17 -20.58 1.63
CH2 MLY A 184 17.19 -20.34 0.97
C MLY A 184 9.44 -20.20 1.35
O MLY A 184 9.08 -20.73 2.41
N TYR A 185 9.06 -18.96 1.01
CA TYR A 185 8.30 -18.07 1.89
C TYR A 185 7.05 -17.56 1.19
N MLY A 186 5.91 -17.66 1.85
CA MLY A 186 4.68 -17.07 1.31
CB MLY A 186 3.49 -17.47 2.18
CG MLY A 186 3.17 -18.92 2.17
CD MLY A 186 1.82 -19.20 2.84
CE MLY A 186 1.48 -20.68 2.86
NZ MLY A 186 0.11 -20.98 3.47
CH1 MLY A 186 -0.02 -20.34 4.82
CH2 MLY A 186 -0.99 -20.51 2.61
C MLY A 186 4.73 -15.54 1.40
O MLY A 186 5.34 -14.98 2.32
N PRO A 187 4.05 -14.84 0.49
CA PRO A 187 3.82 -13.42 0.69
CA PRO A 187 3.87 -13.42 0.73
C PRO A 187 3.07 -13.21 2.00
N VAL A 188 3.43 -12.16 2.75
CA VAL A 188 2.69 -11.84 3.96
C VAL A 188 1.49 -10.97 3.69
N CYS A 189 1.48 -10.28 2.55
CA CYS A 189 0.42 -9.33 2.25
C CYS A 189 0.20 -9.23 0.76
N ASN A 190 -0.99 -8.73 0.42
CA ASN A 190 -1.29 -8.24 -0.91
C ASN A 190 -1.86 -6.84 -0.70
N GLN A 191 -1.08 -5.83 -1.06
CA GLN A 191 -1.53 -4.46 -0.96
C GLN A 191 -2.33 -4.10 -2.21
N VAL A 192 -3.60 -3.76 -2.06
CA VAL A 192 -4.46 -3.48 -3.18
C VAL A 192 -5.29 -2.26 -2.89
N GLU A 193 -5.85 -1.68 -3.94
CA GLU A 193 -6.87 -0.63 -3.75
C GLU A 193 -8.05 -1.27 -3.04
N CYS A 194 -8.51 -0.64 -1.96
CA CYS A 194 -9.67 -1.17 -1.26
C CYS A 194 -10.30 -0.07 -0.42
N HIS A 195 -11.61 0.02 -0.53
CA HIS A 195 -12.41 1.09 0.08
C HIS A 195 -13.89 0.73 -0.10
N LEU A 196 -14.77 1.58 0.43
CA LEU A 196 -16.19 1.32 0.39
C LEU A 196 -16.75 1.09 -1.01
N TYR A 197 -16.17 1.69 -2.05
CA TYR A 197 -16.66 1.46 -3.40
C TYR A 197 -16.01 0.26 -4.12
N LEU A 198 -15.00 -0.34 -3.52
CA LEU A 198 -14.25 -1.50 -4.04
C LEU A 198 -13.83 -2.30 -2.81
N ASN A 199 -14.80 -2.99 -2.23
CA ASN A 199 -14.56 -3.56 -0.89
C ASN A 199 -13.80 -4.86 -0.90
N GLN A 200 -13.54 -5.40 -2.08
CA GLN A 200 -12.65 -6.56 -2.26
C GLN A 200 -13.09 -7.79 -1.48
N ARG A 201 -14.39 -8.01 -1.29
CA ARG A 201 -14.87 -9.15 -0.50
CA ARG A 201 -14.93 -9.16 -0.54
CA ARG A 201 -14.83 -9.12 -0.45
C ARG A 201 -14.28 -10.47 -0.95
N MLY A 202 -14.31 -10.74 -2.27
CA MLY A 202 -13.85 -12.05 -2.74
CB MLY A 202 -14.21 -12.29 -4.20
CG MLY A 202 -15.70 -12.38 -4.44
CD MLY A 202 -16.03 -12.98 -5.80
CE MLY A 202 -17.40 -13.73 -5.74
NZ MLY A 202 -17.79 -14.45 -7.00
CH1 MLY A 202 -17.15 -15.79 -7.15
CH2 MLY A 202 -19.26 -14.59 -7.05
C MLY A 202 -12.34 -12.19 -2.56
O MLY A 202 -11.87 -13.26 -2.09
N LEU A 203 -11.57 -11.18 -2.91
CA LEU A 203 -10.11 -11.25 -2.73
C LEU A 203 -9.74 -11.33 -1.25
N LEU A 204 -10.46 -10.60 -0.42
CA LEU A 204 -10.24 -10.65 1.03
C LEU A 204 -10.45 -12.06 1.56
N ASP A 205 -11.57 -12.68 1.17
CA ASP A 205 -11.84 -14.03 1.66
CA ASP A 205 -11.89 -14.06 1.61
C ASP A 205 -10.75 -15.00 1.20
N TYR A 206 -10.32 -14.88 -0.04
CA TYR A 206 -9.21 -15.69 -0.53
C TYR A 206 -7.95 -15.45 0.34
N CYS A 207 -7.59 -14.19 0.54
CA CYS A 207 -6.36 -13.87 1.26
C CYS A 207 -6.44 -14.43 2.69
N GLU A 208 -7.59 -14.23 3.33
CA GLU A 208 -7.75 -14.81 4.69
C GLU A 208 -7.50 -16.31 4.71
N SER A 209 -8.00 -17.01 3.69
CA SER A 209 -7.85 -18.45 3.62
C SER A 209 -6.40 -18.90 3.49
N MLY A 210 -5.54 -18.00 3.03
CA MLY A 210 -4.13 -18.26 2.84
CB MLY A 210 -3.71 -17.90 1.42
CG MLY A 210 -4.51 -18.55 0.32
CD MLY A 210 -4.62 -20.08 0.46
CE MLY A 210 -5.42 -20.64 -0.70
NZ MLY A 210 -5.79 -22.10 -0.52
CH1 MLY A 210 -6.76 -22.30 0.57
CH2 MLY A 210 -6.46 -22.51 -1.76
C MLY A 210 -3.24 -17.52 3.85
O MLY A 210 -2.02 -17.48 3.68
N ASP A 211 -3.85 -16.94 4.87
CA ASP A 211 -3.12 -16.19 5.89
C ASP A 211 -2.32 -15.01 5.31
N ILE A 212 -2.89 -14.37 4.29
CA ILE A 212 -2.29 -13.19 3.66
C ILE A 212 -3.12 -11.99 4.08
N VAL A 213 -2.47 -10.94 4.58
CA VAL A 213 -3.13 -9.70 4.99
C VAL A 213 -3.37 -8.82 3.79
N LEU A 214 -4.58 -8.29 3.67
CA LEU A 214 -4.84 -7.27 2.68
C LEU A 214 -4.56 -5.90 3.28
N VAL A 215 -3.68 -5.16 2.63
CA VAL A 215 -3.31 -3.78 2.97
C VAL A 215 -3.99 -2.91 1.94
N ALA A 216 -4.79 -1.95 2.39
CA ALA A 216 -5.66 -1.14 1.53
C ALA A 216 -5.05 0.23 1.22
N TYR A 217 -4.81 0.49 -0.06
CA TYR A 217 -4.57 1.85 -0.48
C TYR A 217 -5.80 2.47 -1.09
N GLY A 218 -5.82 3.79 -1.15
CA GLY A 218 -7.04 4.47 -1.62
C GLY A 218 -8.22 4.32 -0.67
N ALA A 219 -7.92 4.05 0.61
CA ALA A 219 -8.94 3.77 1.61
C ALA A 219 -9.95 4.88 1.80
N LEU A 220 -9.52 6.12 1.52
CA LEU A 220 -10.35 7.31 1.62
C LEU A 220 -10.75 7.84 0.24
N GLY A 221 -10.57 7.04 -0.81
CA GLY A 221 -10.90 7.45 -2.16
C GLY A 221 -9.78 8.11 -2.92
N THR A 222 -8.55 8.01 -2.41
CA THR A 222 -7.35 8.61 -2.97
C THR A 222 -7.29 10.11 -2.81
N GLN A 223 -6.11 10.69 -3.00
CA GLN A 223 -5.91 12.14 -3.06
C GLN A 223 -6.39 12.72 -4.41
N ARG A 224 -6.85 11.89 -5.35
CA ARG A 224 -7.46 12.37 -6.61
C ARG A 224 -6.46 13.10 -7.49
N TYR A 225 -5.20 12.67 -7.45
CA TYR A 225 -4.11 13.18 -8.31
C TYR A 225 -4.44 12.80 -9.77
N MLY A 226 -4.60 13.80 -10.61
CA MLY A 226 -5.17 13.62 -11.93
CB MLY A 226 -5.69 14.94 -12.51
CG MLY A 226 -6.90 15.45 -11.75
CD MLY A 226 -7.38 16.80 -12.23
CE MLY A 226 -8.57 17.30 -11.39
NZ MLY A 226 -8.89 18.74 -11.51
CH1 MLY A 226 -9.02 19.25 -12.89
CH2 MLY A 226 -10.10 19.04 -10.71
C MLY A 226 -4.23 12.93 -12.90
O MLY A 226 -4.66 12.50 -13.96
N GLU A 227 -2.95 12.78 -12.57
CA GLU A 227 -2.09 11.93 -13.39
C GLU A 227 -2.54 10.47 -13.41
N TRP A 228 -3.22 10.03 -12.36
CA TRP A 228 -3.67 8.64 -12.25
C TRP A 228 -5.14 8.45 -12.03
N VAL A 229 -5.82 9.44 -11.45
CA VAL A 229 -7.23 9.27 -11.02
C VAL A 229 -8.11 10.13 -11.94
N ASP A 230 -9.05 9.46 -12.59
CA ASP A 230 -10.04 10.10 -13.47
C ASP A 230 -10.79 11.16 -12.64
N GLN A 231 -10.75 12.42 -13.09
CA GLN A 231 -11.35 13.50 -12.35
C GLN A 231 -12.87 13.37 -12.18
N ASN A 232 -13.48 12.56 -13.03
CA ASN A 232 -14.92 12.32 -12.95
C ASN A 232 -15.33 11.18 -12.04
N SER A 233 -14.37 10.57 -11.39
CA SER A 233 -14.69 9.49 -10.47
CA SER A 233 -14.62 9.50 -10.41
C SER A 233 -15.49 10.03 -9.27
N PRO A 234 -16.36 9.19 -8.69
CA PRO A 234 -17.12 9.66 -7.54
C PRO A 234 -16.20 10.01 -6.37
N VAL A 235 -16.61 10.95 -5.54
CA VAL A 235 -15.84 11.39 -4.38
C VAL A 235 -16.31 10.60 -3.17
N LEU A 236 -15.55 9.58 -2.78
CA LEU A 236 -16.00 8.68 -1.72
CA LEU A 236 -15.97 8.67 -1.72
C LEU A 236 -16.36 9.40 -0.45
N LEU A 237 -15.55 10.36 -0.03
CA LEU A 237 -15.82 11.02 1.26
C LEU A 237 -17.08 11.87 1.25
N ASN A 238 -17.65 12.13 0.09
CA ASN A 238 -18.92 12.82 -0.03
C ASN A 238 -20.11 11.91 -0.26
N ASP A 239 -19.91 10.60 -0.12
CA ASP A 239 -21.00 9.67 -0.33
C ASP A 239 -22.11 9.92 0.69
N PRO A 240 -23.38 9.91 0.27
CA PRO A 240 -24.47 10.26 1.22
C PRO A 240 -24.74 9.24 2.28
N VAL A 241 -24.58 7.96 1.96
CA VAL A 241 -24.78 6.90 2.96
C VAL A 241 -23.63 6.95 3.98
N LEU A 242 -22.40 7.09 3.50
CA LEU A 242 -21.26 7.26 4.41
C LEU A 242 -21.47 8.44 5.34
N CYS A 243 -21.91 9.56 4.79
CA CYS A 243 -22.06 10.74 5.63
CA CYS A 243 -22.21 10.81 5.56
C CYS A 243 -23.20 10.53 6.65
N ASP A 244 -24.26 9.80 6.31
CA ASP A 244 -25.29 9.52 7.28
C ASP A 244 -24.77 8.60 8.40
N VAL A 245 -24.02 7.56 8.05
CA VAL A 245 -23.47 6.68 9.08
C VAL A 245 -22.51 7.50 9.97
N ALA A 246 -21.72 8.39 9.37
CA ALA A 246 -20.77 9.22 10.10
C ALA A 246 -21.54 10.07 11.12
N MLY A 247 -22.61 10.72 10.68
CA MLY A 247 -23.38 11.59 11.57
CA MLY A 247 -23.38 11.60 11.58
CB MLY A 247 -24.49 12.28 10.80
CB MLY A 247 -24.49 12.30 10.80
CG MLY A 247 -23.98 13.39 9.92
CG MLY A 247 -25.43 13.14 11.68
C MLY A 247 -23.95 10.78 12.72
O MLY A 247 -23.88 11.21 13.89
N MLY A 248 -24.51 9.61 12.43
CA MLY A 248 -25.11 8.73 13.45
CA MLY A 248 -25.13 8.81 13.48
CB MLY A 248 -25.68 7.45 12.79
CB MLY A 248 -25.96 7.69 12.88
CG MLY A 248 -26.07 6.32 13.75
CG MLY A 248 -27.19 8.19 12.13
CD MLY A 248 -26.43 5.07 12.96
CD MLY A 248 -27.88 7.10 11.32
CE MLY A 248 -26.66 3.84 13.85
CE MLY A 248 -29.20 7.59 10.71
NZ MLY A 248 -27.18 2.65 13.04
NZ MLY A 248 -29.82 6.54 9.84
CH1 MLY A 248 -27.15 1.42 13.86
CH1 MLY A 248 -29.66 5.21 10.45
CH2 MLY A 248 -28.53 2.86 12.48
CH2 MLY A 248 -31.26 6.82 9.66
C MLY A 248 -24.10 8.32 14.49
O MLY A 248 -24.42 8.25 15.68
N ASN A 249 -22.87 8.04 14.06
CA ASN A 249 -21.80 7.60 14.95
C ASN A 249 -20.97 8.75 15.54
N MLY A 250 -21.25 9.99 15.16
CA MLY A 250 -20.53 11.18 15.63
CB MLY A 250 -20.78 11.40 17.13
CG MLY A 250 -22.28 11.60 17.39
CD MLY A 250 -22.65 11.78 18.84
CE MLY A 250 -24.18 11.80 18.98
NZ MLY A 250 -24.80 13.17 18.87
CH1 MLY A 250 -24.17 14.10 17.91
CH2 MLY A 250 -26.27 13.09 18.64
C MLY A 250 -19.06 11.16 15.28
O MLY A 250 -18.24 11.66 16.02
N ARG A 251 -18.72 10.59 14.11
CA ARG A 251 -17.36 10.52 13.63
C ARG A 251 -17.33 11.12 12.22
N SER A 252 -16.17 11.48 11.72
CA SER A 252 -16.06 11.96 10.35
C SER A 252 -16.25 10.82 9.34
N PRO A 253 -16.65 11.17 8.11
CA PRO A 253 -16.68 10.19 7.04
C PRO A 253 -15.36 9.42 6.89
N ALA A 254 -14.23 10.11 7.00
CA ALA A 254 -12.93 9.43 6.87
C ALA A 254 -12.78 8.35 7.93
N LEU A 255 -13.13 8.70 9.18
CA LEU A 255 -13.00 7.71 10.25
C LEU A 255 -13.91 6.50 10.03
N ILE A 256 -15.14 6.69 9.53
CA ILE A 256 -16.02 5.57 9.22
C ILE A 256 -15.39 4.71 8.15
N ALA A 257 -14.85 5.35 7.10
CA ALA A 257 -14.30 4.60 5.95
C ALA A 257 -13.09 3.76 6.38
N LEU A 258 -12.26 4.29 7.28
CA LEU A 258 -11.14 3.52 7.80
C LEU A 258 -11.59 2.40 8.74
N ARG A 259 -12.54 2.71 9.63
CA ARG A 259 -12.99 1.72 10.60
C ARG A 259 -13.63 0.51 9.92
N TYR A 260 -14.36 0.80 8.85
CA TYR A 260 -14.96 -0.26 8.04
C TYR A 260 -13.92 -1.30 7.65
N LEU A 261 -12.80 -0.81 7.15
CA LEU A 261 -11.73 -1.70 6.72
C LEU A 261 -11.08 -2.43 7.91
N ILE A 262 -10.83 -1.68 8.98
CA ILE A 262 -10.22 -2.23 10.21
CA ILE A 262 -10.19 -2.29 10.13
C ILE A 262 -11.02 -3.44 10.72
N GLN A 263 -12.35 -3.28 10.78
CA GLN A 263 -13.20 -4.34 11.30
C GLN A 263 -13.26 -5.57 10.42
N ARG A 264 -12.83 -5.47 9.17
CA ARG A 264 -12.77 -6.59 8.26
C ARG A 264 -11.39 -7.25 8.25
N GLY A 265 -10.49 -6.81 9.14
CA GLY A 265 -9.16 -7.42 9.21
C GLY A 265 -8.15 -6.84 8.22
N ILE A 266 -8.52 -5.72 7.59
CA ILE A 266 -7.70 -5.04 6.59
C ILE A 266 -6.84 -4.01 7.30
N VAL A 267 -5.65 -3.78 6.80
CA VAL A 267 -4.74 -2.74 7.26
C VAL A 267 -4.79 -1.57 6.27
N PRO A 268 -5.54 -0.50 6.61
CA PRO A 268 -5.63 0.60 5.65
C PRO A 268 -4.42 1.55 5.76
N LEU A 269 -4.11 2.17 4.63
CA LEU A 269 -3.22 3.31 4.56
C LEU A 269 -4.09 4.54 4.46
N ALA A 270 -3.64 5.64 5.02
CA ALA A 270 -4.37 6.92 4.92
C ALA A 270 -3.33 7.98 4.66
N GLN A 271 -3.51 8.76 3.61
CA GLN A 271 -2.65 9.90 3.34
C GLN A 271 -3.35 11.22 3.67
N SER A 272 -2.60 12.18 4.24
CA SER A 272 -3.05 13.58 4.27
C SER A 272 -1.82 14.46 4.38
N PHE A 273 -1.94 15.67 3.90
CA PHE A 273 -0.96 16.73 4.19
C PHE A 273 -1.45 17.64 5.30
N MLY A 274 -2.71 17.54 5.67
CA MLY A 274 -3.30 18.44 6.64
CB MLY A 274 -4.76 18.72 6.33
CG MLY A 274 -5.01 19.37 4.98
CD MLY A 274 -6.50 19.66 4.76
CE MLY A 274 -6.83 20.38 3.44
NZ MLY A 274 -8.32 20.32 3.19
CH1 MLY A 274 -9.06 21.07 4.24
CH2 MLY A 274 -8.68 20.82 1.85
C MLY A 274 -3.17 17.87 8.05
O MLY A 274 -3.58 16.74 8.31
N GLU A 275 -2.62 18.67 8.97
CA GLU A 275 -2.36 18.19 10.30
C GLU A 275 -3.57 17.63 11.01
N ASN A 276 -4.69 18.35 10.97
CA ASN A 276 -5.81 17.86 11.75
C ASN A 276 -6.42 16.59 11.17
N GLU A 277 -6.36 16.41 9.85
CA GLU A 277 -6.77 15.14 9.25
C GLU A 277 -5.85 13.98 9.65
N MSE A 278 -4.54 14.22 9.64
CA MSE A 278 -3.60 13.21 10.11
C MSE A 278 -3.92 12.80 11.54
O MSE A 278 -3.92 11.63 11.89
CB MSE A 278 -2.15 13.73 10.16
CG MSE A 278 -1.49 13.93 8.90
SE MSE A 278 0.38 14.33 9.32
CE MSE A 278 0.52 15.25 7.62
N ARG A 279 -4.16 13.80 12.39
CA ARG A 279 -4.46 13.55 13.78
C ARG A 279 -5.75 12.77 13.89
N GLU A 280 -6.79 13.18 13.16
CA GLU A 280 -8.08 12.54 13.31
CA GLU A 280 -8.07 12.54 13.36
C GLU A 280 -8.04 11.07 12.98
N ASN A 281 -7.32 10.70 11.92
CA ASN A 281 -7.32 9.31 11.48
C ASN A 281 -6.79 8.34 12.53
N LEU A 282 -5.92 8.82 13.40
CA LEU A 282 -5.40 7.98 14.49
C LEU A 282 -6.44 7.61 15.54
N GLN A 283 -7.59 8.30 15.49
CA GLN A 283 -8.68 8.03 16.39
C GLN A 283 -9.45 6.75 16.05
N VAL A 284 -9.07 6.06 14.96
CA VAL A 284 -9.89 4.98 14.42
C VAL A 284 -9.99 3.78 15.34
N PHE A 285 -9.08 3.63 16.30
CA PHE A 285 -9.16 2.54 17.27
C PHE A 285 -10.00 2.85 18.50
N GLY A 286 -10.61 4.03 18.53
CA GLY A 286 -11.38 4.46 19.68
C GLY A 286 -12.87 4.31 19.61
N PHE A 287 -13.39 3.68 18.57
CA PHE A 287 -14.82 3.46 18.45
C PHE A 287 -15.03 2.20 17.63
N GLN A 288 -16.28 1.71 17.60
CA GLN A 288 -16.63 0.53 16.85
C GLN A 288 -17.93 0.79 16.08
N LEU A 289 -18.05 0.11 14.96
CA LEU A 289 -19.26 0.13 14.14
C LEU A 289 -20.09 -1.12 14.44
N SER A 290 -21.39 -0.94 14.61
CA SER A 290 -22.30 -2.06 14.87
C SER A 290 -22.43 -2.95 13.65
N PRO A 291 -22.89 -4.22 13.83
CA PRO A 291 -23.12 -5.11 12.67
C PRO A 291 -24.10 -4.49 11.66
N GLU A 292 -25.11 -3.73 12.12
CA GLU A 292 -26.07 -3.08 11.23
CA GLU A 292 -26.06 -3.08 11.22
C GLU A 292 -25.39 -2.02 10.37
N ASP A 293 -24.53 -1.20 10.99
CA ASP A 293 -23.83 -0.18 10.20
C ASP A 293 -22.78 -0.78 9.25
N MSE A 294 -22.14 -1.85 9.67
CA MSE A 294 -21.23 -2.60 8.78
C MSE A 294 -21.97 -3.15 7.57
O MSE A 294 -21.50 -3.06 6.46
CB MSE A 294 -20.53 -3.72 9.52
CG MSE A 294 -19.49 -3.24 10.54
SE MSE A 294 -17.99 -2.29 9.74
CE MSE A 294 -17.27 -3.73 8.72
N MLY A 295 -23.18 -3.69 7.78
CA MLY A 295 -24.05 -4.15 6.68
CB MLY A 295 -25.29 -4.77 7.30
CG MLY A 295 -26.36 -5.23 6.30
CD MLY A 295 -27.78 -5.00 6.77
CE MLY A 295 -28.15 -3.54 6.78
NZ MLY A 295 -29.49 -3.25 7.36
CH1 MLY A 295 -29.65 -1.78 7.49
CH2 MLY A 295 -30.60 -3.83 6.54
C MLY A 295 -24.40 -3.02 5.73
O MLY A 295 -24.27 -3.17 4.53
N THR A 296 -24.81 -1.87 6.28
CA THR A 296 -25.08 -0.70 5.46
C THR A 296 -23.85 -0.35 4.60
N LEU A 297 -22.69 -0.33 5.23
CA LEU A 297 -21.45 0.06 4.54
C LEU A 297 -21.03 -0.94 3.47
N ASP A 298 -21.30 -2.24 3.71
CA ASP A 298 -21.08 -3.26 2.67
C ASP A 298 -21.90 -2.98 1.41
N GLY A 299 -23.04 -2.32 1.54
CA GLY A 299 -23.90 -2.00 0.44
C GLY A 299 -23.41 -0.92 -0.48
N LEU A 300 -22.28 -0.29 -0.15
CA LEU A 300 -21.75 0.76 -1.00
C LEU A 300 -20.88 0.25 -2.13
N ASN A 301 -20.50 -1.02 -2.11
CA ASN A 301 -19.59 -1.54 -3.13
C ASN A 301 -20.14 -1.32 -4.53
N MLY A 302 -19.27 -0.84 -5.40
CA MLY A 302 -19.59 -0.57 -6.82
CB MLY A 302 -19.53 0.94 -7.11
CG MLY A 302 -20.50 1.76 -6.42
CD MLY A 302 -20.41 3.21 -6.85
CE MLY A 302 -21.33 3.94 -5.94
NZ MLY A 302 -21.74 5.25 -6.42
CH1 MLY A 302 -22.57 5.82 -5.31
CH2 MLY A 302 -20.58 6.16 -6.62
C MLY A 302 -18.60 -1.23 -7.75
O MLY A 302 -18.69 -1.03 -8.95
N ASN A 303 -17.63 -1.94 -7.20
CA ASN A 303 -16.50 -2.46 -8.00
C ASN A 303 -15.83 -1.34 -8.79
N PHE A 304 -15.68 -0.19 -8.15
CA PHE A 304 -15.11 0.99 -8.79
C PHE A 304 -13.64 1.17 -8.43
N ARG A 305 -12.78 1.20 -9.45
CA ARG A 305 -11.35 1.40 -9.26
C ARG A 305 -10.94 2.79 -9.64
N TYR A 306 -10.41 3.54 -8.68
CA TYR A 306 -9.76 4.81 -8.92
C TYR A 306 -8.42 4.62 -9.67
N LEU A 307 -7.76 3.47 -9.46
CA LEU A 307 -6.38 3.26 -9.91
C LEU A 307 -6.26 1.97 -10.72
N PRO A 308 -6.81 2.01 -11.95
CA PRO A 308 -6.79 0.80 -12.78
C PRO A 308 -5.47 0.51 -13.49
N ALA A 309 -4.47 1.37 -13.36
CA ALA A 309 -3.12 1.12 -13.93
C ALA A 309 -3.23 0.72 -15.41
N GLU A 310 -3.92 1.53 -16.19
CA GLU A 310 -4.19 1.20 -17.59
C GLU A 310 -2.94 1.08 -18.42
N PHE A 311 -1.87 1.71 -17.96
CA PHE A 311 -0.56 1.63 -18.64
C PHE A 311 -0.01 0.20 -18.68
N LEU A 312 -0.53 -0.69 -17.84
CA LEU A 312 -0.13 -2.09 -17.77
C LEU A 312 -1.09 -3.05 -18.50
N VAL A 313 -2.11 -2.54 -19.18
CA VAL A 313 -3.20 -3.38 -19.68
CA VAL A 313 -3.20 -3.38 -19.66
C VAL A 313 -2.77 -4.39 -20.72
N ASP A 314 -1.82 -4.04 -21.58
CA ASP A 314 -1.48 -4.93 -22.73
C ASP A 314 -0.41 -5.96 -22.34
N HIS A 315 -0.79 -6.84 -21.41
CA HIS A 315 0.14 -7.80 -20.84
C HIS A 315 -0.73 -8.89 -20.18
N PRO A 316 -0.32 -10.16 -20.30
CA PRO A 316 -1.15 -11.22 -19.73
C PRO A 316 -1.22 -11.21 -18.22
N GLU A 317 -0.31 -10.50 -17.55
CA GLU A 317 -0.36 -10.39 -16.08
C GLU A 317 -1.07 -9.13 -15.61
N TYR A 318 -1.68 -8.36 -16.52
CA TYR A 318 -2.49 -7.23 -16.05
C TYR A 318 -3.50 -7.79 -15.05
N PRO A 319 -3.56 -7.23 -13.82
CA PRO A 319 -4.24 -7.99 -12.76
C PRO A 319 -5.74 -7.82 -12.66
N PHE A 320 -6.30 -6.82 -13.33
CA PHE A 320 -7.66 -6.38 -12.99
C PHE A 320 -8.74 -6.82 -13.95
N VAL A 321 -8.43 -7.67 -14.91
CA VAL A 321 -9.44 -8.28 -15.81
CA VAL A 321 -9.49 -8.17 -15.76
C VAL A 321 -10.22 -9.36 -15.12
N GLU A 322 -9.51 -10.18 -14.38
CA GLU A 322 -10.06 -11.31 -13.62
CA GLU A 322 -10.17 -11.28 -13.78
C GLU A 322 -11.08 -10.82 -12.62
N GLU A 323 -12.07 -11.64 -12.32
CA GLU A 323 -13.09 -11.27 -11.34
C GLU A 323 -12.50 -10.83 -10.01
N TYR A 324 -11.51 -11.56 -9.52
CA TYR A 324 -10.78 -11.23 -8.30
C TYR A 324 -9.46 -11.95 -8.32
S SO4 B . -1.15 -19.39 -13.91
O1 SO4 B . -1.14 -17.91 -13.96
O2 SO4 B . -0.02 -19.88 -13.16
O3 SO4 B . -2.39 -19.92 -13.32
O4 SO4 B . -1.08 -19.94 -15.27
S SO4 C . 16.87 -10.72 10.79
O1 SO4 C . 16.26 -9.51 10.25
O2 SO4 C . 16.81 -10.79 12.25
O3 SO4 C . 16.17 -11.88 10.22
O4 SO4 C . 18.29 -10.77 10.41
S SO4 D . -2.88 -14.87 18.10
O1 SO4 D . -3.17 -13.44 17.94
O2 SO4 D . -2.26 -15.13 19.41
O3 SO4 D . -4.13 -15.62 18.00
O4 SO4 D . -1.99 -15.34 17.03
PA NAD E . -6.14 8.15 0.50
O1A NAD E . -7.19 7.28 0.04
O2A NAD E . -5.63 7.91 1.87
O5B NAD E . -6.72 9.57 0.35
C5B NAD E . -6.15 10.72 0.87
C4B NAD E . -7.16 11.83 0.84
O4B NAD E . -8.04 11.66 1.95
C3B NAD E . -6.43 13.14 1.05
O3B NAD E . -6.12 13.87 -0.13
C2B NAD E . -7.37 13.91 1.99
O2B NAD E . -8.12 14.88 1.31
C1B NAD E . -8.38 12.90 2.50
N9A NAD E . -8.35 12.77 3.97
C8A NAD E . -7.41 12.11 4.73
N7A NAD E . -7.80 12.18 6.02
C5A NAD E . -8.98 12.87 6.09
C6A NAD E . -9.73 13.22 7.20
N6A NAD E . -9.45 12.73 8.50
N1A NAD E . -10.89 13.96 6.89
C2A NAD E . -11.23 14.36 5.60
N3A NAD E . -10.45 14.01 4.52
C4A NAD E . -9.34 13.25 4.80
O3 NAD E . -4.94 8.41 -0.54
PN NAD E . -3.67 7.96 -1.48
O1N NAD E . -2.44 8.69 -1.05
O2N NAD E . -4.08 8.08 -2.90
O5D NAD E . -3.49 6.41 -1.10
C5D NAD E . -2.94 6.00 0.17
C4D NAD E . -1.46 5.55 0.06
O4D NAD E . -1.48 4.37 -0.73
C3D NAD E . -0.49 6.39 -0.78
O3D NAD E . -0.13 7.64 -0.30
C2D NAD E . 0.64 5.38 -1.00
O2D NAD E . 1.51 5.17 0.15
C1D NAD E . -0.21 4.12 -1.29
N1N NAD E . -0.41 3.79 -2.74
C2N NAD E . -0.15 2.48 -3.11
C3N NAD E . -0.25 2.01 -4.42
C7N NAD E . 0.07 0.59 -4.78
O7N NAD E . -0.06 0.31 -6.14
N7N NAD E . 0.52 -0.31 -3.86
C4N NAD E . -0.63 2.86 -5.44
C5N NAD E . -1.02 4.16 -5.04
C6N NAD E . -0.85 4.65 -3.73
C1 MRD F . -0.87 4.40 -9.43
C2 MRD F . 0.60 4.00 -9.61
O2 MRD F . 0.88 2.86 -8.73
CM MRD F . 0.84 3.61 -11.05
C3 MRD F . 1.54 5.13 -9.20
C4 MRD F . 3.04 4.83 -9.34
O4 MRD F . 3.43 3.88 -8.38
C5 MRD F . 3.91 6.06 -9.18
#